data_2LU6
#
_entry.id   2LU6
#
_entity_poly.entity_id   1
_entity_poly.type   'polypeptide(L)'
_entity_poly.pdbx_seq_one_letter_code
;CNCSRWARDHSRCC
;
_entity_poly.pdbx_strand_id   1
#
# COMPACT_ATOMS: atom_id res chain seq x y z
N CYS A 1 6.25 -4.17 -2.28
CA CYS A 1 4.80 -3.89 -2.48
C CYS A 1 4.57 -2.45 -2.75
N ASN A 2 3.32 -2.02 -3.01
CA ASN A 2 3.06 -0.64 -3.27
C ASN A 2 2.88 0.05 -1.96
N CYS A 3 3.97 0.16 -1.17
CA CYS A 3 4.00 0.79 0.11
C CYS A 3 4.27 2.24 -0.07
N SER A 4 3.39 2.91 -0.84
CA SER A 4 3.36 4.32 -1.03
C SER A 4 2.49 4.92 0.03
N ARG A 5 2.55 6.24 0.24
CA ARG A 5 1.85 6.90 1.30
C ARG A 5 0.37 6.83 1.16
N TRP A 6 -0.18 6.91 -0.07
CA TRP A 6 -1.58 6.77 -0.31
C TRP A 6 -1.92 5.37 -0.70
N ALA A 7 -1.55 4.36 0.09
CA ALA A 7 -1.90 3.00 -0.15
C ALA A 7 -3.30 2.68 0.23
N ARG A 8 -4.26 2.89 -0.70
CA ARG A 8 -5.65 2.73 -0.47
C ARG A 8 -6.09 1.31 -0.49
N ASP A 9 -5.50 0.54 -1.41
CA ASP A 9 -5.80 -0.82 -1.74
C ASP A 9 -5.53 -1.82 -0.66
N HIS A 10 -5.90 -3.08 -0.89
CA HIS A 10 -5.70 -4.15 0.03
C HIS A 10 -4.28 -4.59 0.14
N SER A 11 -3.47 -4.37 -0.90
CA SER A 11 -2.04 -4.54 -0.94
C SER A 11 -1.29 -3.59 -0.08
N ARG A 12 -1.54 -3.60 1.24
CA ARG A 12 -0.85 -2.80 2.21
C ARG A 12 0.19 -3.64 2.87
N CYS A 13 1.18 -4.11 2.07
CA CYS A 13 2.13 -5.08 2.48
C CYS A 13 3.25 -4.54 3.30
N CYS A 14 3.29 -3.21 3.52
CA CYS A 14 4.33 -2.48 4.16
C CYS A 14 5.02 -3.15 5.35
N CYS A 1 6.75 -1.68 -2.80
CA CYS A 1 5.40 -2.18 -3.16
C CYS A 1 4.33 -1.15 -3.01
N ASN A 2 3.08 -1.55 -2.78
CA ASN A 2 2.00 -0.61 -2.62
C ASN A 2 1.68 -0.34 -1.19
N CYS A 3 2.65 -0.50 -0.27
CA CYS A 3 2.46 -0.27 1.13
C CYS A 3 2.12 1.15 1.47
N SER A 4 2.82 2.15 0.91
CA SER A 4 2.60 3.53 1.24
C SER A 4 1.27 4.06 0.84
N ARG A 5 0.72 4.97 1.66
CA ARG A 5 -0.68 5.29 1.67
C ARG A 5 -1.15 6.13 0.53
N TRP A 6 -0.22 6.58 -0.33
CA TRP A 6 -0.51 7.13 -1.61
C TRP A 6 -1.13 6.16 -2.57
N ALA A 7 -0.87 4.85 -2.46
CA ALA A 7 -1.49 3.90 -3.33
C ALA A 7 -2.75 3.38 -2.73
N ARG A 8 -3.16 2.14 -3.06
CA ARG A 8 -4.36 1.55 -2.57
C ARG A 8 -4.22 0.94 -1.22
N ASP A 9 -5.30 1.03 -0.42
CA ASP A 9 -5.39 0.73 0.97
C ASP A 9 -4.97 -0.64 1.39
N HIS A 10 -5.62 -1.65 0.78
CA HIS A 10 -5.61 -3.00 1.24
C HIS A 10 -4.29 -3.67 1.04
N SER A 11 -3.55 -3.18 0.02
CA SER A 11 -2.32 -3.73 -0.45
C SER A 11 -1.13 -3.31 0.35
N ARG A 12 -1.13 -3.61 1.66
CA ARG A 12 -0.09 -3.19 2.53
C ARG A 12 0.99 -4.22 2.52
N CYS A 13 1.83 -4.26 1.47
CA CYS A 13 2.81 -5.27 1.26
C CYS A 13 3.97 -5.25 2.20
N CYS A 14 4.09 -4.19 3.01
CA CYS A 14 5.14 -3.95 3.96
C CYS A 14 5.44 -5.12 4.86
N CYS A 1 6.34 -4.10 -2.80
CA CYS A 1 4.87 -4.16 -2.76
C CYS A 1 4.26 -2.80 -2.80
N ASN A 2 2.97 -2.68 -3.17
CA ASN A 2 2.33 -1.40 -3.15
C ASN A 2 1.89 -1.07 -1.78
N CYS A 3 2.87 -0.82 -0.90
CA CYS A 3 2.74 -0.14 0.36
C CYS A 3 2.65 1.32 0.06
N SER A 4 1.47 1.80 -0.40
CA SER A 4 1.27 3.13 -0.85
C SER A 4 0.69 3.96 0.25
N ARG A 5 1.23 5.17 0.49
CA ARG A 5 0.87 5.99 1.60
C ARG A 5 -0.35 6.82 1.39
N TRP A 6 -0.50 7.52 0.25
CA TRP A 6 -1.61 8.41 0.03
C TRP A 6 -2.81 7.70 -0.48
N ALA A 7 -2.77 7.12 -1.71
CA ALA A 7 -3.86 6.35 -2.22
C ALA A 7 -3.64 4.91 -1.84
N ARG A 8 -4.04 4.49 -0.64
CA ARG A 8 -3.59 3.22 -0.12
C ARG A 8 -4.18 2.01 -0.74
N ASP A 9 -3.32 1.00 -0.97
CA ASP A 9 -3.69 -0.19 -1.66
C ASP A 9 -3.92 -1.31 -0.72
N HIS A 10 -4.61 -2.37 -1.17
CA HIS A 10 -5.04 -3.45 -0.34
C HIS A 10 -3.96 -4.39 0.07
N SER A 11 -2.94 -4.60 -0.77
CA SER A 11 -1.80 -5.40 -0.45
C SER A 11 -0.86 -4.63 0.42
N ARG A 12 -0.96 -4.76 1.76
CA ARG A 12 -0.27 -3.92 2.68
C ARG A 12 0.95 -4.63 3.16
N CYS A 13 1.95 -4.85 2.28
CA CYS A 13 3.11 -5.61 2.60
C CYS A 13 4.19 -4.84 3.28
N CYS A 14 3.83 -3.75 3.99
CA CYS A 14 4.71 -2.73 4.45
C CYS A 14 5.77 -3.15 5.46
N CYS A 1 5.65 -4.29 -3.22
CA CYS A 1 4.29 -3.95 -2.70
C CYS A 1 3.90 -2.56 -3.06
N ASN A 2 2.60 -2.28 -3.24
CA ASN A 2 2.14 -0.96 -3.52
C ASN A 2 1.83 -0.26 -2.25
N CYS A 3 2.79 -0.23 -1.30
CA CYS A 3 2.62 0.36 -0.01
C CYS A 3 2.82 1.84 -0.09
N SER A 4 1.87 2.55 -0.72
CA SER A 4 1.86 3.98 -0.81
C SER A 4 1.35 4.56 0.46
N ARG A 5 1.76 5.79 0.83
CA ARG A 5 1.23 6.45 1.98
C ARG A 5 -0.17 6.87 1.76
N TRP A 6 -0.49 7.48 0.60
CA TRP A 6 -1.76 8.07 0.32
C TRP A 6 -2.74 7.15 -0.32
N ALA A 7 -2.63 6.80 -1.61
CA ALA A 7 -3.67 6.13 -2.31
C ALA A 7 -3.42 4.65 -2.31
N ARG A 8 -3.24 4.08 -1.10
CA ARG A 8 -2.87 2.70 -0.96
C ARG A 8 -3.96 1.75 -1.34
N ASP A 9 -3.56 0.51 -1.63
CA ASP A 9 -4.45 -0.51 -2.09
C ASP A 9 -4.92 -1.39 -0.98
N HIS A 10 -5.06 -2.70 -1.23
CA HIS A 10 -5.35 -3.69 -0.23
C HIS A 10 -4.10 -4.26 0.35
N SER A 11 -2.98 -4.26 -0.39
CA SER A 11 -1.80 -5.03 -0.10
C SER A 11 -0.98 -4.50 1.04
N ARG A 12 -1.04 -5.11 2.24
CA ARG A 12 -0.31 -4.63 3.37
C ARG A 12 0.94 -5.43 3.55
N CYS A 13 1.97 -5.19 2.72
CA CYS A 13 3.21 -5.89 2.77
C CYS A 13 4.27 -5.16 3.52
N CYS A 14 3.93 -4.00 4.11
CA CYS A 14 4.87 -2.99 4.45
C CYS A 14 5.79 -3.32 5.62
N CYS A 1 6.28 -4.10 -2.05
CA CYS A 1 4.81 -4.07 -2.31
C CYS A 1 4.31 -2.67 -2.29
N ASN A 2 3.00 -2.43 -2.49
CA ASN A 2 2.49 -1.10 -2.62
C ASN A 2 2.21 -0.48 -1.29
N CYS A 3 3.25 -0.39 -0.45
CA CYS A 3 3.31 0.32 0.78
C CYS A 3 3.55 1.77 0.51
N SER A 4 2.75 2.35 -0.40
CA SER A 4 2.82 3.72 -0.81
C SER A 4 2.03 4.58 0.12
N ARG A 5 2.34 5.89 0.19
CA ARG A 5 1.69 6.81 1.07
C ARG A 5 0.24 6.99 0.77
N TRP A 6 -0.15 6.98 -0.51
CA TRP A 6 -1.51 6.95 -0.96
C TRP A 6 -1.97 5.56 -1.23
N ALA A 7 -1.72 4.61 -0.30
CA ALA A 7 -2.20 3.27 -0.41
C ALA A 7 -3.53 3.08 0.21
N ARG A 8 -4.60 3.20 -0.59
CA ARG A 8 -5.96 3.00 -0.19
C ARG A 8 -6.34 1.55 -0.31
N ASP A 9 -5.76 0.89 -1.33
CA ASP A 9 -5.91 -0.50 -1.63
C ASP A 9 -5.34 -1.44 -0.64
N HIS A 10 -5.60 -2.74 -0.81
CA HIS A 10 -5.23 -3.73 0.15
C HIS A 10 -3.80 -4.14 0.09
N SER A 11 -3.11 -4.06 -1.05
CA SER A 11 -1.74 -4.46 -1.22
C SER A 11 -0.76 -3.52 -0.61
N ARG A 12 -0.90 -3.23 0.69
CA ARG A 12 -0.07 -2.32 1.41
C ARG A 12 0.88 -3.11 2.23
N CYS A 13 1.69 -3.97 1.57
CA CYS A 13 2.55 -4.89 2.23
C CYS A 13 3.79 -4.21 2.73
N CYS A 14 3.75 -3.71 3.97
CA CYS A 14 4.89 -3.06 4.56
C CYS A 14 5.69 -4.04 5.39
N CYS A 1 6.41 -3.60 -1.86
CA CYS A 1 5.04 -3.80 -2.37
C CYS A 1 4.41 -2.49 -2.71
N ASN A 2 3.07 -2.41 -2.85
CA ASN A 2 2.48 -1.13 -3.10
C ASN A 2 2.23 -0.36 -1.84
N CYS A 3 3.29 -0.15 -1.03
CA CYS A 3 3.25 0.58 0.20
C CYS A 3 3.76 1.98 -0.01
N SER A 4 3.05 2.78 -0.82
CA SER A 4 3.20 4.20 -0.86
C SER A 4 2.28 4.80 0.15
N ARG A 5 2.41 6.08 0.51
CA ARG A 5 1.56 6.71 1.47
C ARG A 5 0.12 6.71 1.08
N TRP A 6 -0.22 7.09 -0.16
CA TRP A 6 -1.53 6.91 -0.72
C TRP A 6 -1.79 5.52 -1.18
N ALA A 7 -1.52 4.52 -0.32
CA ALA A 7 -2.01 3.18 -0.47
C ALA A 7 -3.37 3.07 0.14
N ARG A 8 -4.40 3.13 -0.72
CA ARG A 8 -5.75 2.88 -0.32
C ARG A 8 -6.08 1.44 -0.46
N ASP A 9 -5.43 0.78 -1.44
CA ASP A 9 -5.64 -0.59 -1.79
C ASP A 9 -5.19 -1.57 -0.77
N HIS A 10 -5.68 -2.82 -0.89
CA HIS A 10 -5.50 -3.88 0.06
C HIS A 10 -4.10 -4.38 0.16
N SER A 11 -3.26 -4.12 -0.86
CA SER A 11 -1.86 -4.40 -0.94
C SER A 11 -1.00 -3.53 -0.10
N ARG A 12 -1.27 -3.47 1.23
CA ARG A 12 -0.49 -2.74 2.17
C ARG A 12 0.52 -3.65 2.76
N CYS A 13 1.47 -4.12 1.95
CA CYS A 13 2.39 -5.16 2.32
C CYS A 13 3.63 -4.61 2.94
N CYS A 14 3.51 -3.72 3.93
CA CYS A 14 4.62 -2.91 4.35
C CYS A 14 5.54 -3.62 5.32
N CYS A 1 8.59 -3.74 -1.41
CA CYS A 1 7.17 -3.85 -1.81
C CYS A 1 6.51 -2.52 -1.93
N ASN A 2 5.59 -2.37 -2.90
CA ASN A 2 5.16 -1.06 -3.29
C ASN A 2 3.96 -0.63 -2.54
N CYS A 3 4.09 -0.57 -1.20
CA CYS A 3 3.06 -0.13 -0.31
C CYS A 3 3.06 1.35 -0.21
N SER A 4 2.42 2.07 -1.16
CA SER A 4 2.21 3.48 -1.05
C SER A 4 0.91 3.77 -0.40
N ARG A 5 0.97 4.28 0.85
CA ARG A 5 -0.15 4.43 1.74
C ARG A 5 -1.16 5.44 1.32
N TRP A 6 -0.73 6.52 0.65
CA TRP A 6 -1.56 7.60 0.23
C TRP A 6 -2.72 7.31 -0.66
N ALA A 7 -2.62 6.28 -1.53
CA ALA A 7 -3.64 6.03 -2.51
C ALA A 7 -4.74 5.19 -1.96
N ARG A 8 -4.87 3.93 -2.44
CA ARG A 8 -5.78 2.96 -1.93
C ARG A 8 -5.25 2.28 -0.71
N ASP A 9 -6.14 1.59 0.02
CA ASP A 9 -5.82 0.94 1.25
C ASP A 9 -5.13 -0.37 1.08
N HIS A 10 -5.67 -1.21 0.17
CA HIS A 10 -5.45 -2.61 0.03
C HIS A 10 -4.07 -3.09 0.32
N SER A 11 -3.89 -3.73 1.50
CA SER A 11 -2.64 -4.11 2.08
C SER A 11 -1.73 -4.91 1.22
N ARG A 12 -0.71 -4.30 0.61
CA ARG A 12 0.40 -4.94 -0.02
C ARG A 12 1.37 -5.32 1.05
N CYS A 13 2.65 -5.66 0.80
CA CYS A 13 3.60 -6.00 1.81
C CYS A 13 4.06 -4.82 2.60
N CYS A 14 3.17 -4.19 3.38
CA CYS A 14 3.44 -2.97 4.09
C CYS A 14 4.26 -3.16 5.36
N CYS A 1 6.43 -3.90 -2.16
CA CYS A 1 4.97 -3.87 -2.44
C CYS A 1 4.52 -2.45 -2.58
N ASN A 2 3.21 -2.17 -2.71
CA ASN A 2 2.79 -0.83 -3.00
C ASN A 2 2.53 -0.11 -1.72
N CYS A 3 3.54 -0.05 -0.85
CA CYS A 3 3.47 0.58 0.44
C CYS A 3 3.77 2.04 0.30
N SER A 4 2.98 2.72 -0.54
CA SER A 4 3.11 4.13 -0.77
C SER A 4 2.22 4.86 0.17
N ARG A 5 2.33 6.20 0.24
CA ARG A 5 1.59 6.99 1.17
C ARG A 5 0.12 6.98 0.90
N TRP A 6 -0.27 7.05 -0.39
CA TRP A 6 -1.62 6.80 -0.80
C TRP A 6 -1.86 5.36 -1.09
N ALA A 7 -1.52 4.43 -0.18
CA ALA A 7 -1.91 3.07 -0.32
C ALA A 7 -3.31 2.86 0.17
N ARG A 8 -4.30 3.11 -0.71
CA ARG A 8 -5.68 3.03 -0.35
C ARG A 8 -6.21 1.65 -0.53
N ASP A 9 -5.63 0.93 -1.51
CA ASP A 9 -5.91 -0.44 -1.81
C ASP A 9 -5.46 -1.36 -0.73
N HIS A 10 -5.78 -2.67 -0.88
CA HIS A 10 -5.63 -3.59 0.21
C HIS A 10 -4.30 -4.28 0.23
N SER A 11 -3.46 -4.08 -0.82
CA SER A 11 -2.18 -4.71 -0.96
C SER A 11 -1.13 -3.99 -0.18
N ARG A 12 -1.27 -3.94 1.16
CA ARG A 12 -0.45 -3.12 1.99
C ARG A 12 0.64 -3.94 2.60
N CYS A 13 1.61 -4.41 1.80
CA CYS A 13 2.65 -5.26 2.27
C CYS A 13 3.80 -4.49 2.85
N CYS A 14 3.59 -3.75 3.95
CA CYS A 14 4.56 -2.81 4.41
C CYS A 14 5.64 -3.40 5.31
N CYS A 1 8.29 -3.82 0.64
CA CYS A 1 7.36 -3.66 -0.50
C CYS A 1 7.37 -2.27 -1.01
N ASN A 2 6.91 -2.02 -2.25
CA ASN A 2 6.71 -0.68 -2.70
C ASN A 2 5.37 -0.20 -2.27
N CYS A 3 5.18 -0.03 -0.95
CA CYS A 3 4.00 0.53 -0.37
C CYS A 3 4.03 2.01 -0.54
N SER A 4 3.57 2.53 -1.70
CA SER A 4 3.30 3.92 -1.87
C SER A 4 2.05 4.30 -1.16
N ARG A 5 2.01 5.50 -0.57
CA ARG A 5 1.15 5.80 0.54
C ARG A 5 -0.32 5.87 0.28
N TRP A 6 -0.79 6.47 -0.83
CA TRP A 6 -2.18 6.62 -1.15
C TRP A 6 -3.04 5.42 -1.02
N ALA A 7 -2.58 4.22 -1.45
CA ALA A 7 -3.30 3.01 -1.22
C ALA A 7 -3.27 2.57 0.21
N ARG A 8 -4.23 3.06 1.00
CA ARG A 8 -4.40 2.79 2.40
C ARG A 8 -5.09 1.50 2.64
N ASP A 9 -5.76 1.02 1.58
CA ASP A 9 -6.44 -0.23 1.48
C ASP A 9 -5.52 -1.41 1.47
N HIS A 10 -6.08 -2.63 1.48
CA HIS A 10 -5.31 -3.83 1.59
C HIS A 10 -4.74 -4.36 0.32
N SER A 11 -4.50 -3.52 -0.70
CA SER A 11 -3.86 -3.92 -1.92
C SER A 11 -2.41 -4.14 -1.77
N ARG A 12 -1.66 -3.09 -1.38
CA ARG A 12 -0.23 -3.11 -1.41
C ARG A 12 0.25 -3.64 -0.09
N CYS A 13 1.51 -4.09 0.05
CA CYS A 13 1.93 -4.92 1.13
C CYS A 13 2.18 -4.25 2.44
N CYS A 14 1.41 -3.19 2.78
CA CYS A 14 1.76 -2.24 3.79
C CYS A 14 1.61 -2.77 5.21
N CYS A 1 8.21 -3.97 -0.41
CA CYS A 1 7.03 -3.95 -1.30
C CYS A 1 6.64 -2.58 -1.70
N ASN A 2 5.81 -2.40 -2.75
CA ASN A 2 5.53 -1.08 -3.23
C ASN A 2 4.47 -0.43 -2.39
N CYS A 3 4.85 -0.04 -1.17
CA CYS A 3 4.05 0.66 -0.20
C CYS A 3 4.14 2.13 -0.44
N SER A 4 3.30 2.68 -1.34
CA SER A 4 3.12 4.09 -1.50
C SER A 4 2.31 4.64 -0.38
N ARG A 5 2.38 5.96 -0.11
CA ARG A 5 1.62 6.61 0.91
C ARG A 5 0.15 6.49 0.74
N TRP A 6 -0.37 6.68 -0.49
CA TRP A 6 -1.77 6.58 -0.82
C TRP A 6 -2.25 5.18 -0.95
N ALA A 7 -2.03 4.35 0.09
CA ALA A 7 -2.54 3.02 0.16
C ALA A 7 -3.89 2.94 0.78
N ARG A 8 -4.95 3.26 0.01
CA ARG A 8 -6.30 3.12 0.47
C ARG A 8 -6.69 1.70 0.67
N ASP A 9 -6.66 0.92 -0.43
CA ASP A 9 -6.89 -0.49 -0.43
C ASP A 9 -5.84 -1.25 0.31
N HIS A 10 -6.18 -2.34 1.01
CA HIS A 10 -5.23 -3.13 1.72
C HIS A 10 -4.55 -4.16 0.87
N SER A 11 -4.07 -3.72 -0.31
CA SER A 11 -3.51 -4.53 -1.34
C SER A 11 -2.03 -4.68 -1.22
N ARG A 12 -1.37 -3.64 -0.68
CA ARG A 12 0.06 -3.51 -0.62
C ARG A 12 0.59 -4.11 0.63
N CYS A 13 1.87 -4.52 0.68
CA CYS A 13 2.48 -5.18 1.79
C CYS A 13 2.99 -4.22 2.81
N CYS A 14 2.21 -3.19 3.19
CA CYS A 14 2.70 -2.15 4.04
C CYS A 14 2.85 -2.57 5.50
N CYS A 1 7.56 -4.37 -1.55
CA CYS A 1 6.16 -4.28 -2.01
C CYS A 1 5.73 -2.86 -2.18
N ASN A 2 4.51 -2.61 -2.69
CA ASN A 2 4.13 -1.28 -3.08
C ASN A 2 3.53 -0.55 -1.92
N CYS A 3 4.35 -0.28 -0.88
CA CYS A 3 3.90 0.35 0.32
C CYS A 3 4.03 1.83 0.23
N SER A 4 3.17 2.48 -0.58
CA SER A 4 3.01 3.90 -0.57
C SER A 4 1.90 4.27 0.35
N ARG A 5 1.60 5.58 0.48
CA ARG A 5 0.56 6.07 1.33
C ARG A 5 -0.75 6.29 0.66
N TRP A 6 -0.82 6.72 -0.61
CA TRP A 6 -2.06 7.06 -1.24
C TRP A 6 -3.05 5.96 -1.36
N ALA A 7 -2.71 4.82 -2.00
CA ALA A 7 -3.62 3.71 -2.04
C ALA A 7 -3.55 2.91 -0.78
N ARG A 8 -4.54 3.17 0.09
CA ARG A 8 -4.70 2.64 1.41
C ARG A 8 -5.33 1.29 1.38
N ASP A 9 -6.33 1.11 0.50
CA ASP A 9 -7.07 -0.11 0.36
C ASP A 9 -6.24 -1.23 -0.18
N HIS A 10 -5.48 -0.94 -1.25
CA HIS A 10 -4.80 -1.91 -2.07
C HIS A 10 -3.72 -2.62 -1.33
N SER A 11 -4.11 -3.66 -0.58
CA SER A 11 -3.39 -4.42 0.39
C SER A 11 -1.90 -4.42 0.33
N ARG A 12 -1.24 -3.37 0.87
CA ARG A 12 0.16 -3.19 0.70
C ARG A 12 0.93 -4.06 1.63
N CYS A 13 2.11 -4.57 1.24
CA CYS A 13 2.93 -5.38 2.08
C CYS A 13 3.93 -4.52 2.77
N CYS A 14 3.57 -3.87 3.89
CA CYS A 14 4.45 -2.93 4.52
C CYS A 14 5.35 -3.58 5.56
N CYS A 1 7.32 -3.65 -2.50
CA CYS A 1 5.84 -3.64 -2.62
C CYS A 1 5.26 -2.26 -2.66
N ASN A 2 3.97 -2.11 -3.01
CA ASN A 2 3.39 -0.80 -3.08
C ASN A 2 2.85 -0.35 -1.77
N CYS A 3 3.72 -0.32 -0.74
CA CYS A 3 3.46 0.33 0.51
C CYS A 3 3.75 1.78 0.37
N SER A 4 2.97 2.49 -0.47
CA SER A 4 3.07 3.89 -0.68
C SER A 4 2.31 4.60 0.40
N ARG A 5 2.41 5.94 0.50
CA ARG A 5 1.68 6.67 1.48
C ARG A 5 0.22 6.73 1.17
N TRP A 6 -0.16 7.04 -0.07
CA TRP A 6 -1.51 7.03 -0.53
C TRP A 6 -1.91 5.69 -1.01
N ALA A 7 -1.97 4.64 -0.15
CA ALA A 7 -2.54 3.39 -0.52
C ALA A 7 -4.02 3.40 -0.37
N ARG A 8 -4.75 3.35 -1.50
CA ARG A 8 -6.16 3.12 -1.53
C ARG A 8 -6.50 1.72 -1.15
N ASP A 9 -5.74 0.77 -1.73
CA ASP A 9 -5.97 -0.63 -1.63
C ASP A 9 -5.24 -1.22 -0.47
N HIS A 10 -5.85 -2.17 0.24
CA HIS A 10 -5.34 -2.70 1.47
C HIS A 10 -4.48 -3.90 1.31
N SER A 11 -4.09 -4.26 0.06
CA SER A 11 -3.22 -5.35 -0.22
C SER A 11 -1.78 -5.13 0.10
N ARG A 12 -1.38 -3.89 0.45
CA ARG A 12 -0.01 -3.47 0.54
C ARG A 12 0.85 -4.17 1.53
N CYS A 13 2.14 -4.37 1.20
CA CYS A 13 3.09 -5.10 2.00
C CYS A 13 3.93 -4.14 2.77
N CYS A 14 3.43 -3.63 3.92
CA CYS A 14 4.19 -2.71 4.70
C CYS A 14 4.96 -3.41 5.81
N CYS A 1 6.46 -3.65 -2.55
CA CYS A 1 5.01 -3.62 -2.82
C CYS A 1 4.52 -2.22 -2.98
N ASN A 2 3.20 -1.97 -2.89
CA ASN A 2 2.70 -0.63 -2.94
C ASN A 2 2.77 -0.04 -1.57
N CYS A 3 3.99 0.16 -1.03
CA CYS A 3 4.21 0.62 0.30
C CYS A 3 4.29 2.10 0.32
N SER A 4 3.25 2.72 -0.27
CA SER A 4 2.96 4.12 -0.37
C SER A 4 2.06 4.54 0.74
N ARG A 5 1.99 5.84 1.06
CA ARG A 5 1.09 6.34 2.04
C ARG A 5 -0.32 6.34 1.53
N TRP A 6 -0.52 6.79 0.28
CA TRP A 6 -1.72 6.57 -0.48
C TRP A 6 -1.73 5.22 -1.13
N ALA A 7 -1.74 4.14 -0.35
CA ALA A 7 -2.21 2.87 -0.84
C ALA A 7 -3.70 2.87 -0.83
N ARG A 8 -4.30 3.08 -2.02
CA ARG A 8 -5.70 3.04 -2.24
C ARG A 8 -6.25 1.66 -2.13
N ASP A 9 -5.37 0.69 -2.42
CA ASP A 9 -5.56 -0.72 -2.23
C ASP A 9 -5.50 -1.12 -0.80
N HIS A 10 -5.98 -2.34 -0.49
CA HIS A 10 -5.96 -2.90 0.82
C HIS A 10 -4.64 -3.49 1.18
N SER A 11 -3.87 -3.99 0.18
CA SER A 11 -2.63 -4.64 0.44
C SER A 11 -1.50 -3.71 0.73
N ARG A 12 -1.29 -3.37 2.01
CA ARG A 12 -0.16 -2.64 2.50
C ARG A 12 0.90 -3.60 2.92
N CYS A 13 1.72 -4.10 1.98
CA CYS A 13 2.48 -5.30 2.13
C CYS A 13 3.77 -5.13 2.86
N CYS A 14 4.06 -3.88 3.25
CA CYS A 14 5.30 -3.32 3.69
C CYS A 14 6.15 -4.19 4.62
N CYS A 1 7.43 -3.02 -2.87
CA CYS A 1 5.97 -2.96 -3.03
C CYS A 1 5.49 -1.54 -2.97
N ASN A 2 4.19 -1.32 -3.26
CA ASN A 2 3.62 -0.02 -3.23
C ASN A 2 3.15 0.30 -1.86
N CYS A 3 4.01 0.11 -0.84
CA CYS A 3 3.80 0.60 0.48
C CYS A 3 4.19 2.04 0.53
N SER A 4 3.52 2.88 -0.29
CA SER A 4 3.66 4.30 -0.26
C SER A 4 2.55 4.86 0.56
N ARG A 5 2.43 6.19 0.67
CA ARG A 5 1.39 6.80 1.45
C ARG A 5 0.05 6.67 0.81
N TRP A 6 -0.08 6.83 -0.51
CA TRP A 6 -1.31 6.65 -1.22
C TRP A 6 -1.66 5.23 -1.51
N ALA A 7 -1.58 4.35 -0.48
CA ALA A 7 -2.08 3.01 -0.58
C ALA A 7 -3.52 2.94 -0.22
N ARG A 8 -4.37 3.01 -1.25
CA ARG A 8 -5.80 2.97 -1.22
C ARG A 8 -6.28 1.56 -1.10
N ASP A 9 -5.57 0.64 -1.79
CA ASP A 9 -5.83 -0.77 -1.77
C ASP A 9 -5.60 -1.36 -0.43
N HIS A 10 -6.29 -2.48 -0.11
CA HIS A 10 -6.31 -3.02 1.21
C HIS A 10 -5.10 -3.83 1.50
N SER A 11 -4.70 -4.74 0.60
CA SER A 11 -3.57 -5.60 0.77
C SER A 11 -2.27 -4.91 0.51
N ARG A 12 -1.73 -4.18 1.50
CA ARG A 12 -0.45 -3.56 1.38
C ARG A 12 0.63 -4.50 1.77
N CYS A 13 1.86 -4.38 1.26
CA CYS A 13 2.93 -5.27 1.62
C CYS A 13 3.74 -4.77 2.76
N CYS A 14 3.25 -3.75 3.49
CA CYS A 14 4.01 -3.01 4.44
C CYS A 14 4.47 -3.80 5.65
N CYS A 1 7.83 -3.42 -1.78
CA CYS A 1 6.49 -3.57 -2.38
C CYS A 1 6.00 -2.27 -2.91
N ASN A 2 4.71 -2.09 -3.26
CA ASN A 2 4.27 -0.79 -3.62
C ASN A 2 3.76 -0.04 -2.42
N CYS A 3 4.56 0.03 -1.35
CA CYS A 3 4.20 0.63 -0.10
C CYS A 3 4.30 2.12 -0.13
N SER A 4 3.32 2.77 -0.78
CA SER A 4 3.17 4.19 -0.79
C SER A 4 2.22 4.64 0.26
N ARG A 5 2.28 5.92 0.68
CA ARG A 5 1.43 6.54 1.63
C ARG A 5 -0.01 6.54 1.22
N TRP A 6 -0.29 6.82 -0.07
CA TRP A 6 -1.58 6.69 -0.69
C TRP A 6 -1.94 5.26 -0.92
N ALA A 7 -2.06 4.45 0.14
CA ALA A 7 -2.61 3.14 0.12
C ALA A 7 -4.10 3.20 0.04
N ARG A 8 -4.62 3.05 -1.19
CA ARG A 8 -6.01 3.05 -1.53
C ARG A 8 -6.56 1.68 -1.29
N ASP A 9 -5.79 0.67 -1.73
CA ASP A 9 -6.15 -0.71 -1.67
C ASP A 9 -5.77 -1.28 -0.35
N HIS A 10 -6.50 -2.29 0.16
CA HIS A 10 -6.16 -2.88 1.41
C HIS A 10 -4.95 -3.74 1.36
N SER A 11 -4.56 -4.18 0.15
CA SER A 11 -3.48 -5.06 -0.16
C SER A 11 -2.12 -4.47 -0.06
N ARG A 12 -1.78 -3.83 1.09
CA ARG A 12 -0.49 -3.27 1.32
C ARG A 12 0.45 -4.25 1.92
N CYS A 13 1.73 -4.26 1.54
CA CYS A 13 2.67 -5.26 1.96
C CYS A 13 3.52 -4.83 3.10
N CYS A 14 3.39 -3.57 3.55
CA CYS A 14 4.39 -2.79 4.22
C CYS A 14 5.06 -3.43 5.43
N CYS A 1 5.54 -3.29 -3.35
CA CYS A 1 4.15 -3.40 -2.86
C CYS A 1 3.57 -2.07 -2.51
N ASN A 2 2.23 -1.92 -2.49
CA ASN A 2 1.65 -0.63 -2.27
C ASN A 2 1.49 -0.31 -0.82
N CYS A 3 2.61 -0.35 -0.08
CA CYS A 3 2.84 0.37 1.14
C CYS A 3 3.38 1.72 0.79
N SER A 4 2.70 2.43 -0.13
CA SER A 4 3.05 3.72 -0.63
C SER A 4 2.39 4.73 0.24
N ARG A 5 2.75 6.03 0.17
CA ARG A 5 2.09 7.02 0.97
C ARG A 5 0.65 7.18 0.66
N TRP A 6 0.26 7.02 -0.63
CA TRP A 6 -1.09 6.91 -1.07
C TRP A 6 -1.40 5.45 -1.16
N ALA A 7 -1.55 4.75 -0.04
CA ALA A 7 -1.94 3.37 0.00
C ALA A 7 -3.42 3.27 0.08
N ARG A 8 -4.06 2.98 -1.06
CA ARG A 8 -5.49 2.83 -1.15
C ARG A 8 -5.92 1.42 -1.04
N ASP A 9 -5.21 0.53 -1.76
CA ASP A 9 -5.53 -0.85 -1.92
C ASP A 9 -5.12 -1.69 -0.76
N HIS A 10 -5.58 -2.96 -0.76
CA HIS A 10 -5.36 -3.95 0.24
C HIS A 10 -3.98 -4.52 0.20
N SER A 11 -3.23 -4.25 -0.88
CA SER A 11 -1.88 -4.65 -1.13
C SER A 11 -0.89 -3.84 -0.37
N ARG A 12 -0.98 -3.90 0.98
CA ARG A 12 -0.29 -3.03 1.86
C ARG A 12 0.82 -3.76 2.53
N CYS A 13 1.81 -4.24 1.75
CA CYS A 13 2.93 -4.97 2.24
C CYS A 13 3.97 -4.10 2.85
N CYS A 14 3.76 -3.60 4.08
CA CYS A 14 4.71 -2.77 4.73
C CYS A 14 5.76 -3.58 5.48
N CYS A 1 6.27 -4.23 -2.86
CA CYS A 1 4.84 -3.85 -2.74
C CYS A 1 4.60 -2.39 -2.79
N ASN A 2 3.37 -1.95 -3.12
CA ASN A 2 3.12 -0.56 -3.39
C ASN A 2 2.71 0.16 -2.14
N CYS A 3 3.57 0.14 -1.11
CA CYS A 3 3.34 0.82 0.13
C CYS A 3 3.89 2.20 0.05
N SER A 4 3.30 3.09 -0.76
CA SER A 4 3.63 4.49 -0.73
C SER A 4 2.71 5.22 0.18
N ARG A 5 2.66 6.56 0.11
CA ARG A 5 1.88 7.40 0.97
C ARG A 5 0.40 7.19 0.82
N TRP A 6 -0.09 7.00 -0.42
CA TRP A 6 -1.48 6.78 -0.68
C TRP A 6 -1.74 5.31 -0.76
N ALA A 7 -1.68 4.57 0.35
CA ALA A 7 -1.94 3.16 0.38
C ALA A 7 -3.37 2.85 0.66
N ARG A 8 -4.21 2.92 -0.39
CA ARG A 8 -5.62 2.69 -0.32
C ARG A 8 -6.00 1.27 -0.62
N ASP A 9 -5.14 0.62 -1.42
CA ASP A 9 -5.29 -0.72 -1.91
C ASP A 9 -5.26 -1.74 -0.83
N HIS A 10 -5.81 -2.93 -1.10
CA HIS A 10 -5.89 -3.99 -0.15
C HIS A 10 -4.61 -4.73 0.00
N SER A 11 -3.65 -4.50 -0.90
CA SER A 11 -2.31 -4.99 -0.83
C SER A 11 -1.42 -4.22 0.07
N ARG A 12 -1.70 -4.15 1.39
CA ARG A 12 -0.86 -3.42 2.29
C ARG A 12 0.23 -4.30 2.80
N CYS A 13 1.39 -4.35 2.12
CA CYS A 13 2.50 -5.18 2.50
C CYS A 13 3.55 -4.40 3.22
N CYS A 14 3.16 -3.38 4.02
CA CYS A 14 4.08 -2.41 4.50
C CYS A 14 5.06 -2.91 5.57
N CYS A 1 6.78 -0.20 -2.50
CA CYS A 1 5.60 -1.01 -2.86
C CYS A 1 4.35 -0.29 -2.50
N ASN A 2 3.29 -1.00 -2.07
CA ASN A 2 2.03 -0.37 -1.80
C ASN A 2 1.92 0.00 -0.36
N CYS A 3 3.00 -0.13 0.43
CA CYS A 3 3.14 0.47 1.72
C CYS A 3 3.64 1.87 1.62
N SER A 4 3.43 2.51 0.45
CA SER A 4 3.76 3.86 0.13
C SER A 4 2.63 4.75 0.55
N ARG A 5 2.68 6.06 0.23
CA ARG A 5 1.63 6.98 0.52
C ARG A 5 0.40 6.71 -0.28
N TRP A 6 0.54 6.31 -1.56
CA TRP A 6 -0.49 5.82 -2.41
C TRP A 6 -0.92 4.44 -2.06
N ALA A 7 -1.34 4.20 -0.80
CA ALA A 7 -1.95 2.97 -0.40
C ALA A 7 -3.43 3.07 -0.49
N ARG A 8 -4.01 2.76 -1.66
CA ARG A 8 -5.42 2.81 -1.93
C ARG A 8 -6.10 1.60 -1.39
N ASP A 9 -5.53 0.42 -1.69
CA ASP A 9 -6.12 -0.83 -1.36
C ASP A 9 -5.59 -1.33 -0.05
N HIS A 10 -6.31 -2.26 0.59
CA HIS A 10 -5.90 -2.86 1.82
C HIS A 10 -4.73 -3.79 1.72
N SER A 11 -4.46 -4.39 0.56
CA SER A 11 -3.44 -5.37 0.36
C SER A 11 -2.06 -4.82 0.20
N ARG A 12 -1.54 -4.15 1.25
CA ARG A 12 -0.28 -3.46 1.17
C ARG A 12 0.87 -4.39 1.38
N CYS A 13 2.07 -4.08 0.83
CA CYS A 13 3.15 -5.02 0.77
C CYS A 13 4.04 -5.06 1.97
N CYS A 14 3.81 -4.19 2.96
CA CYS A 14 4.60 -4.10 4.15
C CYS A 14 4.50 -5.38 4.97
N CYS A 1 6.24 -4.01 -2.38
CA CYS A 1 4.81 -3.63 -2.39
C CYS A 1 4.65 -2.19 -2.70
N ASN A 2 3.53 -1.75 -3.29
CA ASN A 2 3.34 -0.35 -3.53
C ASN A 2 2.82 0.32 -2.31
N CYS A 3 3.58 0.27 -1.21
CA CYS A 3 3.26 0.88 0.05
C CYS A 3 3.70 2.30 0.06
N SER A 4 3.14 3.07 -0.89
CA SER A 4 3.29 4.48 -1.09
C SER A 4 2.42 5.20 -0.11
N ARG A 5 2.45 6.54 -0.02
CA ARG A 5 1.77 7.23 1.03
C ARG A 5 0.29 7.13 0.95
N TRP A 6 -0.32 7.29 -0.24
CA TRP A 6 -1.66 6.89 -0.50
C TRP A 6 -1.74 5.42 -0.71
N ALA A 7 -1.49 4.58 0.31
CA ALA A 7 -1.75 3.18 0.27
C ALA A 7 -3.20 2.87 0.43
N ARG A 8 -3.94 2.90 -0.68
CA ARG A 8 -5.37 2.78 -0.69
C ARG A 8 -5.84 1.38 -0.85
N ASP A 9 -4.99 0.56 -1.48
CA ASP A 9 -5.30 -0.78 -1.89
C ASP A 9 -5.28 -1.74 -0.74
N HIS A 10 -5.84 -2.94 -0.92
CA HIS A 10 -5.86 -3.97 0.08
C HIS A 10 -4.52 -4.58 0.31
N SER A 11 -3.64 -4.54 -0.72
CA SER A 11 -2.27 -4.93 -0.68
C SER A 11 -1.44 -4.06 0.20
N ARG A 12 -1.58 -4.16 1.54
CA ARG A 12 -0.88 -3.33 2.45
C ARG A 12 0.24 -4.12 3.05
N CYS A 13 1.20 -4.52 2.20
CA CYS A 13 2.22 -5.48 2.50
C CYS A 13 3.37 -4.97 3.30
N CYS A 14 3.21 -3.78 3.92
CA CYS A 14 4.27 -2.89 4.25
C CYS A 14 5.28 -3.39 5.26
#